data_6GME
#
_entry.id   6GME
#
_cell.length_a   51.020
_cell.length_b   81.100
_cell.length_c   51.370
_cell.angle_alpha   90.00
_cell.angle_beta   115.08
_cell.angle_gamma   90.00
#
_symmetry.space_group_name_H-M   'P 1 21 1'
#
loop_
_entity.id
_entity.type
_entity.pdbx_description
1 polymer 'SPT6 tandem SH2 domain,Transcription elongation factor SPT6'
2 water water
#
_entity_poly.entity_id   1
_entity_poly.type   'polypeptide(L)'
_entity_poly.pdbx_seq_one_letter_code
;(UNK)(UNK)(UNK)(UNK)(UNK)(UNK)(UNK)(UNK)(UNK)(UNK)(UNK)(UNK)(UNK)(UNK)(UNK)(UNK)
(UNK)(UNK)INFKQAEKMMETMDQGDVIIRPSSKGENHLTVTWKVSDGIYQHVDVREEGKENAFSLGATLWINSEEFED
LDEIVARYVQPMASFARDLLNHKYYQDCSGGDRKKLEELLIKTKKEKPTFIPYFICACKELPGKFLLGYQPRGKPRIEYV
TVTPEGFRYRGQIFPTVNGLFRWFKDHYQDPVP
;
_entity_poly.pdbx_strand_id   A,B
#
# COMPACT_ATOMS: atom_id res chain seq x y z
N UNK A 11 -10.11 3.33 -27.24
CA UNK A 11 -9.88 4.36 -26.23
C UNK A 11 -10.31 3.89 -24.86
N UNK A 12 -9.46 3.11 -24.20
CA UNK A 12 -9.76 2.56 -22.87
C UNK A 12 -10.78 1.42 -22.97
N UNK A 13 -10.29 0.20 -23.15
CA UNK A 13 -11.16 -0.97 -23.27
C UNK A 13 -11.38 -1.62 -21.91
N UNK A 14 -12.48 -2.35 -21.77
CA UNK A 14 -12.77 -3.08 -20.55
C UNK A 14 -13.08 -4.53 -20.89
N UNK A 15 -12.52 -5.44 -20.12
CA UNK A 15 -12.78 -6.86 -20.29
C UNK A 15 -13.41 -7.39 -19.01
N UNK A 16 -14.49 -8.12 -19.16
CA UNK A 16 -15.16 -8.74 -18.03
C UNK A 16 -14.89 -10.24 -18.07
N UNK A 17 -14.35 -10.77 -16.98
CA UNK A 17 -14.11 -12.19 -16.86
C UNK A 17 -15.30 -12.84 -16.15
N UNK A 18 -15.81 -13.92 -16.72
CA UNK A 18 -16.96 -14.62 -16.15
C UNK A 18 -16.50 -15.88 -15.42
N ILE A 19 -10.17 -17.77 -15.48
CA ILE A 19 -8.80 -17.41 -15.18
C ILE A 19 -8.70 -16.73 -13.81
N ASN A 20 -7.57 -16.88 -13.15
CA ASN A 20 -7.35 -16.29 -11.82
C ASN A 20 -6.21 -15.26 -11.94
N PHE A 21 -5.92 -14.59 -10.84
CA PHE A 21 -5.01 -13.44 -10.78
C PHE A 21 -3.84 -13.42 -11.77
N LYS A 22 -3.13 -14.54 -11.89
CA LYS A 22 -1.87 -14.50 -12.62
C LYS A 22 -2.11 -14.31 -14.12
N GLN A 23 -3.09 -15.03 -14.67
CA GLN A 23 -3.46 -14.84 -16.07
C GLN A 23 -4.01 -13.43 -16.31
N ALA A 24 -4.62 -12.83 -15.29
CA ALA A 24 -5.10 -11.46 -15.44
C ALA A 24 -3.94 -10.49 -15.63
N GLU A 25 -2.86 -10.64 -14.85
CA GLU A 25 -1.73 -9.75 -15.07
C GLU A 25 -1.07 -10.02 -16.42
N LYS A 26 -0.96 -11.29 -16.84
CA LYS A 26 -0.39 -11.53 -18.17
C LYS A 26 -1.27 -10.94 -19.27
N MET A 27 -2.59 -11.00 -19.12
CA MET A 27 -3.46 -10.36 -20.09
C MET A 27 -3.23 -8.86 -20.12
N MET A 28 -3.09 -8.25 -18.95
CA MET A 28 -2.92 -6.80 -18.91
C MET A 28 -1.62 -6.37 -19.55
N GLU A 29 -0.58 -7.22 -19.47
CA GLU A 29 0.66 -6.91 -20.18
C GLU A 29 0.40 -6.54 -21.63
N THR A 30 -0.61 -7.15 -22.24
CA THR A 30 -0.90 -6.92 -23.64
C THR A 30 -1.73 -5.66 -23.87
N MET A 31 -2.36 -5.13 -22.83
CA MET A 31 -3.31 -4.05 -22.96
C MET A 31 -2.64 -2.69 -22.77
N ASP A 32 -3.41 -1.63 -22.97
CA ASP A 32 -2.91 -0.26 -22.90
C ASP A 32 -3.16 0.33 -21.52
N GLN A 33 -2.39 1.37 -21.21
CA GLN A 33 -2.59 2.10 -19.97
C GLN A 33 -4.03 2.54 -19.84
N GLY A 34 -4.59 2.35 -18.64
CA GLY A 34 -5.97 2.70 -18.38
C GLY A 34 -6.99 1.67 -18.76
N ASP A 35 -6.59 0.58 -19.43
CA ASP A 35 -7.51 -0.50 -19.71
C ASP A 35 -7.86 -1.25 -18.42
N VAL A 36 -8.99 -1.93 -18.43
CA VAL A 36 -9.60 -2.48 -17.22
C VAL A 36 -10.02 -3.93 -17.45
N ILE A 37 -9.79 -4.76 -16.43
CA ILE A 37 -10.32 -6.11 -16.36
C ILE A 37 -11.16 -6.20 -15.08
N ILE A 38 -12.44 -6.50 -15.23
CA ILE A 38 -13.33 -6.70 -14.09
C ILE A 38 -13.52 -8.20 -13.90
N ARG A 39 -13.21 -8.70 -12.71
CA ARG A 39 -13.19 -10.15 -12.54
C ARG A 39 -13.65 -10.52 -11.14
N PRO A 40 -14.03 -11.78 -10.91
CA PRO A 40 -14.37 -12.21 -9.56
C PRO A 40 -13.19 -12.01 -8.62
N SER A 41 -13.51 -11.74 -7.35
CA SER A 41 -12.48 -11.41 -6.37
C SER A 41 -12.03 -12.65 -5.64
N SER A 42 -10.70 -12.78 -5.49
CA SER A 42 -10.14 -13.82 -4.64
C SER A 42 -10.49 -13.61 -3.18
N LYS A 43 -10.83 -12.38 -2.80
CA LYS A 43 -11.03 -12.07 -1.39
C LYS A 43 -12.33 -12.67 -0.87
N GLY A 44 -13.41 -12.61 -1.65
CA GLY A 44 -14.67 -13.11 -1.17
C GLY A 44 -15.69 -13.26 -2.26
N GLU A 45 -16.72 -14.05 -1.95
CA GLU A 45 -17.80 -14.36 -2.87
C GLU A 45 -18.69 -13.14 -3.10
N ASN A 46 -19.20 -13.02 -4.33
CA ASN A 46 -20.13 -11.98 -4.75
C ASN A 46 -19.51 -10.58 -4.73
N HIS A 47 -18.19 -10.49 -4.57
CA HIS A 47 -17.45 -9.23 -4.65
C HIS A 47 -16.51 -9.26 -5.84
N LEU A 48 -16.00 -8.09 -6.22
CA LEU A 48 -15.25 -7.96 -7.47
C LEU A 48 -13.88 -7.33 -7.28
N THR A 49 -13.02 -7.59 -8.28
CA THR A 49 -11.75 -6.92 -8.43
C THR A 49 -11.74 -6.20 -9.76
N VAL A 50 -11.40 -4.91 -9.73
CA VAL A 50 -11.28 -4.10 -10.93
C VAL A 50 -9.80 -3.79 -11.09
N THR A 51 -9.14 -4.48 -12.02
CA THR A 51 -7.72 -4.32 -12.26
C THR A 51 -7.52 -3.34 -13.41
N TRP A 52 -6.65 -2.37 -13.23
CA TRP A 52 -6.36 -1.45 -14.32
C TRP A 52 -4.88 -1.15 -14.39
N LYS A 53 -4.43 -0.86 -15.60
CA LYS A 53 -3.02 -0.72 -15.90
C LYS A 53 -2.57 0.72 -15.60
N VAL A 54 -1.81 0.89 -14.53
CA VAL A 54 -1.34 2.21 -14.15
C VAL A 54 -0.19 2.64 -15.05
N SER A 55 0.72 1.72 -15.33
CA SER A 55 1.93 1.97 -16.10
C SER A 55 2.47 0.62 -16.53
N ASP A 56 3.59 0.63 -17.26
CA ASP A 56 4.19 -0.60 -17.73
C ASP A 56 4.49 -1.52 -16.55
N GLY A 57 3.86 -2.69 -16.54
CA GLY A 57 4.10 -3.67 -15.51
C GLY A 57 3.54 -3.31 -14.14
N ILE A 58 2.69 -2.31 -14.06
CA ILE A 58 2.13 -1.88 -12.78
C ILE A 58 0.63 -1.86 -12.92
N TYR A 59 -0.05 -2.70 -12.16
CA TYR A 59 -1.49 -2.85 -12.24
C TYR A 59 -2.07 -2.65 -10.86
N GLN A 60 -3.11 -1.83 -10.78
CA GLN A 60 -3.82 -1.61 -9.51
C GLN A 60 -5.01 -2.54 -9.48
N HIS A 61 -5.13 -3.33 -8.42
CA HIS A 61 -6.24 -4.28 -8.25
C HIS A 61 -7.18 -3.68 -7.21
N VAL A 62 -8.26 -3.07 -7.67
CA VAL A 62 -9.20 -2.38 -6.79
C VAL A 62 -10.18 -3.39 -6.25
N ASP A 63 -10.18 -3.57 -4.93
CA ASP A 63 -11.14 -4.40 -4.24
C ASP A 63 -12.44 -3.62 -4.14
N VAL A 64 -13.45 -4.04 -4.88
CA VAL A 64 -14.74 -3.38 -4.85
C VAL A 64 -15.56 -4.08 -3.78
N ARG A 65 -15.90 -3.35 -2.73
CA ARG A 65 -16.59 -3.89 -1.57
C ARG A 65 -18.00 -3.32 -1.50
N GLU A 66 -18.91 -4.13 -0.97
CA GLU A 66 -20.29 -3.72 -0.80
C GLU A 66 -20.47 -3.08 0.56
N GLU A 67 -21.04 -1.87 0.57
CA GLU A 67 -21.25 -1.14 1.80
C GLU A 67 -21.93 -2.01 2.85
N GLY A 68 -21.39 -2.01 4.06
CA GLY A 68 -22.00 -2.67 5.19
C GLY A 68 -21.76 -4.16 5.28
N LYS A 69 -21.09 -4.78 4.32
CA LYS A 69 -20.94 -6.23 4.32
C LYS A 69 -19.49 -6.71 4.48
N GLU A 70 -18.52 -5.81 4.50
CA GLU A 70 -17.13 -6.18 4.74
C GLU A 70 -16.58 -5.33 5.88
N ASN A 71 -15.42 -5.76 6.41
CA ASN A 71 -14.77 -5.02 7.49
C ASN A 71 -14.44 -3.61 7.00
N ALA A 72 -14.72 -2.63 7.87
CA ALA A 72 -14.51 -1.23 7.54
C ALA A 72 -13.05 -0.87 7.29
N PHE A 73 -12.13 -1.76 7.63
CA PHE A 73 -10.71 -1.48 7.43
C PHE A 73 -10.27 -1.97 6.05
N SER A 74 -9.45 -1.18 5.37
CA SER A 74 -8.83 -1.56 4.11
C SER A 74 -7.43 -1.02 4.09
N LEU A 75 -6.54 -1.69 3.35
CA LEU A 75 -5.18 -1.19 3.16
C LEU A 75 -4.85 -0.92 1.70
N GLY A 76 -5.17 -1.84 0.81
CA GLY A 76 -4.92 -1.67 -0.60
C GLY A 76 -6.00 -0.86 -1.27
N ALA A 77 -5.89 -0.76 -2.60
CA ALA A 77 -6.87 0.00 -3.37
C ALA A 77 -8.27 -0.57 -3.15
N THR A 78 -9.18 0.29 -2.74
CA THR A 78 -10.48 -0.15 -2.25
C THR A 78 -11.53 0.84 -2.71
N LEU A 79 -12.68 0.31 -3.11
CA LEU A 79 -13.79 1.15 -3.58
C LEU A 79 -15.08 0.60 -2.96
N TRP A 80 -15.77 1.43 -2.21
CA TRP A 80 -17.02 1.04 -1.57
C TRP A 80 -18.20 1.45 -2.43
N ILE A 81 -19.08 0.48 -2.73
CA ILE A 81 -20.28 0.76 -3.50
C ILE A 81 -21.44 0.04 -2.84
N ASN A 82 -22.64 0.49 -3.17
CA ASN A 82 -23.86 -0.12 -2.66
C ASN A 82 -24.26 -1.29 -3.54
N SER A 83 -25.21 -2.09 -3.05
CA SER A 83 -25.63 -3.28 -3.78
C SER A 83 -26.10 -2.93 -5.19
N GLU A 84 -26.85 -1.83 -5.34
CA GLU A 84 -27.38 -1.46 -6.64
C GLU A 84 -26.26 -1.12 -7.62
N GLU A 85 -25.25 -0.39 -7.16
CA GLU A 85 -24.18 0.06 -8.05
C GLU A 85 -23.42 -1.12 -8.68
N PHE A 86 -23.51 -2.31 -8.09
CA PHE A 86 -22.88 -3.48 -8.69
C PHE A 86 -23.45 -3.80 -10.07
N GLU A 87 -24.62 -3.25 -10.42
CA GLU A 87 -25.25 -3.60 -11.69
C GLU A 87 -24.69 -2.81 -12.87
N ASP A 88 -24.10 -1.64 -12.63
CA ASP A 88 -23.56 -0.81 -13.70
C ASP A 88 -22.07 -0.62 -13.46
N LEU A 89 -21.29 -1.63 -13.86
CA LEU A 89 -19.84 -1.57 -13.70
C LEU A 89 -19.22 -0.53 -14.62
N ASP A 90 -19.80 -0.33 -15.80
CA ASP A 90 -19.30 0.68 -16.72
C ASP A 90 -19.25 2.05 -16.05
N GLU A 91 -20.32 2.41 -15.34
CA GLU A 91 -20.39 3.72 -14.71
C GLU A 91 -19.32 3.85 -13.62
N ILE A 92 -19.10 2.78 -12.86
CA ILE A 92 -18.09 2.83 -11.82
C ILE A 92 -16.71 3.02 -12.43
N VAL A 93 -16.43 2.31 -13.54
CA VAL A 93 -15.17 2.52 -14.24
C VAL A 93 -15.03 3.98 -14.65
N ALA A 94 -16.05 4.51 -15.35
CA ALA A 94 -15.99 5.89 -15.81
C ALA A 94 -15.81 6.86 -14.64
N ARG A 95 -16.45 6.59 -13.51
CA ARG A 95 -16.48 7.54 -12.42
C ARG A 95 -15.18 7.54 -11.63
N TYR A 96 -14.59 6.37 -11.40
CA TYR A 96 -13.44 6.27 -10.52
C TYR A 96 -12.15 5.94 -11.23
N VAL A 97 -12.15 4.99 -12.15
CA VAL A 97 -10.88 4.51 -12.72
C VAL A 97 -10.37 5.45 -13.80
N GLN A 98 -11.24 5.85 -14.73
CA GLN A 98 -10.82 6.68 -15.85
C GLN A 98 -10.11 7.95 -15.41
N PRO A 99 -10.61 8.72 -14.44
CA PRO A 99 -9.84 9.89 -13.98
C PRO A 99 -8.50 9.50 -13.37
N MET A 100 -8.43 8.41 -12.61
CA MET A 100 -7.13 8.05 -12.03
C MET A 100 -6.14 7.66 -13.13
N ALA A 101 -6.63 6.94 -14.15
CA ALA A 101 -5.74 6.59 -15.25
C ALA A 101 -5.24 7.84 -15.96
N SER A 102 -6.11 8.85 -16.10
CA SER A 102 -5.68 10.10 -16.73
C SER A 102 -4.64 10.83 -15.88
N PHE A 103 -4.83 10.90 -14.56
CA PHE A 103 -3.83 11.54 -13.71
C PHE A 103 -2.51 10.79 -13.74
N ALA A 104 -2.56 9.46 -13.76
CA ALA A 104 -1.36 8.66 -13.89
C ALA A 104 -0.62 9.00 -15.18
N ARG A 105 -1.36 9.11 -16.29
CA ARG A 105 -0.74 9.51 -17.56
C ARG A 105 -0.13 10.91 -17.47
N ASP A 106 -0.75 11.82 -16.71
CA ASP A 106 -0.15 13.12 -16.51
C ASP A 106 1.24 13.00 -15.87
N LEU A 107 1.38 12.05 -14.97
CA LEU A 107 2.70 11.85 -14.35
C LEU A 107 3.65 11.13 -15.30
N LEU A 108 3.13 10.17 -16.07
CA LEU A 108 3.98 9.46 -17.03
C LEU A 108 4.53 10.39 -18.10
N ASN A 109 3.80 11.43 -18.45
CA ASN A 109 4.26 12.36 -19.48
C ASN A 109 5.03 13.55 -18.92
N HIS A 110 5.22 13.61 -17.61
CA HIS A 110 5.99 14.68 -17.01
C HIS A 110 7.45 14.61 -17.46
N LYS A 111 8.06 15.77 -17.67
CA LYS A 111 9.41 15.81 -18.23
C LYS A 111 10.42 15.08 -17.35
N TYR A 112 10.17 14.99 -16.03
CA TYR A 112 11.12 14.34 -15.14
C TYR A 112 10.59 13.00 -14.62
N TYR A 113 9.70 12.36 -15.39
CA TYR A 113 9.34 11.00 -15.05
C TYR A 113 10.51 10.06 -15.33
N GLN A 114 10.75 9.14 -14.40
CA GLN A 114 11.78 8.12 -14.52
C GLN A 114 11.27 6.81 -13.96
N ASP A 115 11.59 5.70 -14.64
CA ASP A 115 11.13 4.39 -14.20
C ASP A 115 11.79 3.99 -12.88
N CYS A 116 13.10 4.16 -12.78
CA CYS A 116 13.86 3.76 -11.60
C CYS A 116 13.50 2.35 -11.15
N SER A 117 13.45 1.44 -12.10
CA SER A 117 13.23 0.01 -11.83
C SER A 117 12.00 -0.19 -10.94
N GLY A 118 10.87 0.34 -11.42
CA GLY A 118 9.62 0.14 -10.70
C GLY A 118 9.51 0.92 -9.42
N GLY A 119 10.12 2.11 -9.38
CA GLY A 119 10.05 2.90 -8.17
C GLY A 119 10.94 2.37 -7.06
N ASP A 120 12.14 1.90 -7.41
CA ASP A 120 13.10 1.50 -6.40
C ASP A 120 13.69 2.73 -5.74
N ARG A 121 13.50 2.86 -4.42
CA ARG A 121 13.94 4.06 -3.72
C ARG A 121 15.44 4.25 -3.87
N LYS A 122 16.20 3.16 -3.85
CA LYS A 122 17.65 3.27 -3.93
C LYS A 122 18.10 3.75 -5.30
N LYS A 123 17.45 3.25 -6.36
CA LYS A 123 17.75 3.74 -7.71
C LYS A 123 17.48 5.23 -7.82
N LEU A 124 16.35 5.68 -7.27
CA LEU A 124 16.00 7.08 -7.34
C LEU A 124 16.99 7.94 -6.55
N GLU A 125 17.41 7.47 -5.37
CA GLU A 125 18.40 8.22 -4.60
C GLU A 125 19.73 8.32 -5.36
N GLU A 126 20.15 7.22 -5.98
CA GLU A 126 21.39 7.26 -6.75
C GLU A 126 21.29 8.24 -7.90
N LEU A 127 20.15 8.23 -8.61
CA LEU A 127 19.96 9.16 -9.71
C LEU A 127 20.01 10.61 -9.21
N LEU A 128 19.35 10.87 -8.09
CA LEU A 128 19.35 12.21 -7.51
C LEU A 128 20.76 12.65 -7.17
N ILE A 129 21.53 11.79 -6.51
CA ILE A 129 22.89 12.15 -6.11
C ILE A 129 23.75 12.41 -7.33
N LYS A 130 23.68 11.51 -8.32
CA LYS A 130 24.42 11.70 -9.56
C LYS A 130 24.07 13.03 -10.23
N THR A 131 22.79 13.33 -10.34
CA THR A 131 22.36 14.56 -11.01
C THR A 131 22.79 15.77 -10.21
N LYS A 132 22.76 15.68 -8.87
CA LYS A 132 23.18 16.81 -8.05
C LYS A 132 24.66 17.07 -8.17
N LYS A 133 25.47 16.01 -8.27
CA LYS A 133 26.90 16.20 -8.46
C LYS A 133 27.21 16.77 -9.84
N GLU A 134 26.40 16.43 -10.84
CA GLU A 134 26.63 17.00 -12.17
C GLU A 134 26.32 18.49 -12.20
N LYS A 135 25.25 18.91 -11.51
CA LYS A 135 24.83 20.32 -11.50
C LYS A 135 24.50 20.75 -10.09
N PRO A 136 25.51 21.16 -9.31
CA PRO A 136 25.27 21.47 -7.88
C PRO A 136 24.25 22.57 -7.61
N THR A 137 24.14 23.58 -8.47
CA THR A 137 23.24 24.69 -8.19
C THR A 137 21.80 24.38 -8.56
N PHE A 138 21.54 23.24 -9.18
CA PHE A 138 20.22 22.83 -9.63
C PHE A 138 19.61 21.89 -8.61
N ILE A 139 18.30 22.00 -8.42
CA ILE A 139 17.59 21.06 -7.55
C ILE A 139 16.95 19.99 -8.41
N PRO A 140 17.53 18.80 -8.51
CA PRO A 140 16.92 17.76 -9.32
C PRO A 140 15.71 17.17 -8.62
N TYR A 141 14.74 16.76 -9.44
CA TYR A 141 13.61 15.99 -8.93
C TYR A 141 13.12 15.08 -10.04
N PHE A 142 12.64 13.93 -9.63
CA PHE A 142 12.15 12.90 -10.54
C PHE A 142 10.93 12.25 -9.92
N ILE A 143 10.06 11.72 -10.76
CA ILE A 143 8.86 11.03 -10.30
C ILE A 143 8.82 9.64 -10.93
N CYS A 144 8.44 8.64 -10.14
CA CYS A 144 8.51 7.24 -10.54
C CYS A 144 7.29 6.48 -10.03
N ALA A 145 6.74 5.60 -10.85
CA ALA A 145 5.61 4.80 -10.39
C ALA A 145 6.10 3.72 -9.42
N CYS A 146 5.36 3.54 -8.31
CA CYS A 146 5.67 2.50 -7.36
C CYS A 146 5.06 1.18 -7.82
N LYS A 147 5.88 0.17 -8.10
CA LYS A 147 5.36 -1.11 -8.55
C LYS A 147 4.70 -1.87 -7.40
N GLU A 148 5.22 -1.71 -6.18
CA GLU A 148 4.66 -2.44 -5.05
C GLU A 148 3.50 -1.70 -4.38
N LEU A 149 3.24 -0.47 -4.78
CA LEU A 149 2.10 0.32 -4.32
C LEU A 149 1.43 0.93 -5.55
N PRO A 150 0.74 0.10 -6.35
CA PRO A 150 0.15 0.62 -7.61
C PRO A 150 -0.79 1.79 -7.32
N GLY A 151 -0.58 2.87 -8.05
CA GLY A 151 -1.32 4.08 -7.84
C GLY A 151 -0.54 5.13 -7.08
N LYS A 152 0.53 4.74 -6.42
CA LYS A 152 1.42 5.68 -5.74
C LYS A 152 2.67 5.88 -6.55
N PHE A 153 3.22 7.08 -6.45
CA PHE A 153 4.41 7.50 -7.16
C PHE A 153 5.40 8.06 -6.13
N LEU A 154 6.68 7.81 -6.35
CA LEU A 154 7.75 8.46 -5.61
C LEU A 154 8.06 9.80 -6.26
N LEU A 155 8.14 10.84 -5.46
CA LEU A 155 8.64 12.16 -5.85
C LEU A 155 9.96 12.34 -5.11
N GLY A 156 11.06 12.20 -5.83
CA GLY A 156 12.39 12.37 -5.25
C GLY A 156 12.98 13.70 -5.65
N TYR A 157 13.73 14.29 -4.74
CA TYR A 157 14.30 15.61 -5.00
C TYR A 157 15.46 15.82 -4.06
N GLN A 158 16.40 16.66 -4.46
CA GLN A 158 17.60 16.89 -3.65
C GLN A 158 17.94 18.36 -3.59
N PRO A 159 17.36 19.09 -2.61
CA PRO A 159 17.68 20.52 -2.50
C PRO A 159 19.11 20.80 -2.08
N ARG A 160 19.68 19.93 -1.26
CA ARG A 160 21.01 20.16 -0.70
C ARG A 160 21.85 18.90 -0.86
N GLY A 161 22.38 18.38 0.25
CA GLY A 161 23.29 17.26 0.16
C GLY A 161 22.68 15.88 0.28
N LYS A 162 21.38 15.76 0.48
CA LYS A 162 20.77 14.48 0.75
C LYS A 162 19.52 14.29 -0.10
N PRO A 163 19.36 13.12 -0.74
CA PRO A 163 18.14 12.89 -1.49
C PRO A 163 16.95 12.72 -0.55
N ARG A 164 15.82 13.28 -0.95
CA ARG A 164 14.57 13.19 -0.22
C ARG A 164 13.51 12.55 -1.10
N ILE A 165 12.65 11.74 -0.50
CA ILE A 165 11.61 11.03 -1.25
C ILE A 165 10.29 11.18 -0.50
N GLU A 166 9.24 11.56 -1.22
CA GLU A 166 7.89 11.59 -0.70
C GLU A 166 6.98 10.81 -1.64
N TYR A 167 5.76 10.54 -1.19
CA TYR A 167 4.78 9.83 -2.00
C TYR A 167 3.74 10.80 -2.54
N VAL A 168 3.34 10.57 -3.78
CA VAL A 168 2.18 11.21 -4.40
C VAL A 168 1.20 10.09 -4.71
N THR A 169 -0.05 10.26 -4.31
CA THR A 169 -1.07 9.24 -4.55
C THR A 169 -2.04 9.73 -5.61
N VAL A 170 -2.30 8.90 -6.61
CA VAL A 170 -3.35 9.23 -7.58
C VAL A 170 -4.69 8.84 -6.98
N THR A 171 -5.67 9.74 -7.04
CA THR A 171 -7.01 9.48 -6.59
C THR A 171 -7.97 10.00 -7.65
N PRO A 172 -9.22 9.57 -7.62
CA PRO A 172 -10.16 10.02 -8.66
C PRO A 172 -10.32 11.52 -8.71
N GLU A 173 -9.93 12.24 -7.67
CA GLU A 173 -10.14 13.69 -7.63
C GLU A 173 -8.83 14.46 -7.76
N GLY A 174 -7.72 13.76 -7.97
CA GLY A 174 -6.47 14.40 -8.26
C GLY A 174 -5.35 13.75 -7.48
N PHE A 175 -4.24 14.48 -7.36
CA PHE A 175 -3.04 13.97 -6.71
C PHE A 175 -3.07 14.34 -5.24
N ARG A 176 -2.84 13.39 -4.35
CA ARG A 176 -2.69 13.67 -2.94
C ARG A 176 -1.19 13.74 -2.64
N TYR A 177 -0.79 14.86 -2.07
CA TYR A 177 0.61 15.11 -1.70
C TYR A 177 0.58 15.88 -0.38
N ARG A 178 1.27 15.36 0.62
CA ARG A 178 1.23 15.93 1.97
C ARG A 178 -0.21 16.11 2.45
N GLY A 179 -1.06 15.17 2.07
CA GLY A 179 -2.46 15.17 2.48
C GLY A 179 -3.37 16.08 1.71
N GLN A 180 -2.83 16.95 0.86
CA GLN A 180 -3.63 17.91 0.11
C GLN A 180 -3.93 17.34 -1.27
N ILE A 181 -5.10 17.66 -1.79
CA ILE A 181 -5.51 17.21 -3.13
C ILE A 181 -5.23 18.32 -4.13
N PHE A 182 -4.55 17.95 -5.21
CA PHE A 182 -4.22 18.85 -6.30
C PHE A 182 -4.94 18.36 -7.55
N PRO A 183 -5.87 19.12 -8.11
CA PRO A 183 -6.65 18.60 -9.24
C PRO A 183 -5.95 18.67 -10.58
N THR A 184 -4.77 19.28 -10.66
CA THR A 184 -4.00 19.32 -11.89
C THR A 184 -2.53 19.04 -11.59
N VAL A 185 -1.84 18.44 -12.55
CA VAL A 185 -0.43 18.11 -12.36
C VAL A 185 0.38 19.40 -12.23
N ASN A 186 -0.02 20.44 -12.95
CA ASN A 186 0.71 21.70 -12.90
C ASN A 186 0.60 22.35 -11.53
N GLY A 187 -0.58 22.30 -10.90
CA GLY A 187 -0.72 22.84 -9.55
C GLY A 187 0.10 22.06 -8.54
N LEU A 188 0.09 20.72 -8.65
CA LEU A 188 0.93 19.88 -7.81
C LEU A 188 2.37 20.35 -7.85
N PHE A 189 2.95 20.43 -9.06
CA PHE A 189 4.37 20.73 -9.12
C PHE A 189 4.67 22.19 -8.82
N ARG A 190 3.74 23.11 -9.07
CA ARG A 190 3.98 24.49 -8.69
C ARG A 190 4.06 24.60 -7.17
N TRP A 191 3.15 23.93 -6.46
CA TRP A 191 3.21 23.95 -5.00
C TRP A 191 4.50 23.28 -4.51
N PHE A 192 4.79 22.10 -5.06
CA PHE A 192 6.01 21.38 -4.69
C PHE A 192 7.24 22.25 -4.83
N LYS A 193 7.42 22.89 -5.98
CA LYS A 193 8.59 23.72 -6.20
C LYS A 193 8.57 25.00 -5.37
N ASP A 194 7.39 25.46 -4.97
CA ASP A 194 7.36 26.59 -4.05
C ASP A 194 7.78 26.17 -2.65
N HIS A 195 7.75 24.88 -2.33
CA HIS A 195 8.13 24.47 -0.98
C HIS A 195 9.32 23.51 -0.87
N TYR A 196 9.91 23.05 -1.99
CA TYR A 196 10.92 22.01 -1.85
C TYR A 196 12.26 22.51 -1.31
N GLN A 197 12.46 23.82 -1.18
CA GLN A 197 13.66 24.34 -0.54
C GLN A 197 13.42 24.80 0.90
N ASP A 198 12.20 24.63 1.43
CA ASP A 198 11.89 25.09 2.77
C ASP A 198 12.89 24.48 3.77
N PRO A 199 13.18 25.21 4.87
CA PRO A 199 14.19 24.71 5.82
C PRO A 199 13.95 23.29 6.30
N VAL A 200 12.72 22.79 6.15
CA VAL A 200 12.35 21.45 6.57
C VAL A 200 12.87 21.14 7.96
N UNK B 12 -1.57 -1.21 23.96
CA UNK B 12 -2.28 -0.96 25.22
C UNK B 12 -2.52 0.54 25.41
N UNK B 13 -1.47 1.34 25.27
CA UNK B 13 -1.57 2.77 25.51
C UNK B 13 -2.14 3.53 24.31
N UNK B 14 -2.98 4.53 24.59
CA UNK B 14 -3.47 5.43 23.55
C UNK B 14 -3.18 6.87 23.95
N UNK B 15 -2.61 7.63 23.04
CA UNK B 15 -2.38 9.05 23.26
C UNK B 15 -3.21 9.84 22.25
N UNK B 16 -3.88 10.87 22.73
CA UNK B 16 -4.72 11.72 21.89
C UNK B 16 -4.04 13.08 21.74
N UNK B 17 -3.84 13.50 20.49
CA UNK B 17 -3.19 14.79 20.26
C UNK B 17 -4.23 15.82 19.84
N UNK B 18 -4.18 16.97 20.51
CA UNK B 18 -5.14 18.05 20.27
C UNK B 18 -4.52 19.14 19.39
N ILE B 19 0.87 19.11 15.08
CA ILE B 19 1.80 17.98 15.04
C ILE B 19 1.80 17.38 13.64
N ASN B 20 2.95 16.86 13.24
CA ASN B 20 3.12 16.29 11.91
C ASN B 20 3.38 14.79 11.96
N PHE B 21 3.33 14.20 10.76
CA PHE B 21 3.72 12.80 10.55
C PHE B 21 5.02 12.49 11.28
N LYS B 22 6.00 13.38 11.13
CA LYS B 22 7.36 13.11 11.62
C LYS B 22 7.43 13.13 13.12
N GLN B 23 6.82 14.13 13.77
CA GLN B 23 6.81 14.14 15.22
C GLN B 23 5.99 12.98 15.78
N ALA B 24 4.97 12.53 15.05
CA ALA B 24 4.20 11.38 15.49
C ALA B 24 5.06 10.12 15.47
N GLU B 25 5.82 9.92 14.40
CA GLU B 25 6.71 8.76 14.35
C GLU B 25 7.82 8.88 15.39
N LYS B 26 8.28 10.10 15.63
CA LYS B 26 9.30 10.33 16.65
C LYS B 26 8.78 9.92 18.02
N MET B 27 7.52 10.28 18.32
CA MET B 27 6.91 9.86 19.57
C MET B 27 6.74 8.34 19.61
N MET B 28 6.34 7.76 18.48
CA MET B 28 6.08 6.32 18.44
C MET B 28 7.34 5.52 18.71
N GLU B 29 8.51 6.05 18.33
CA GLU B 29 9.76 5.37 18.63
C GLU B 29 9.86 4.97 20.10
N THR B 30 9.31 5.77 21.00
CA THR B 30 9.42 5.50 22.42
C THR B 30 8.39 4.50 22.93
N MET B 31 7.32 4.26 22.18
CA MET B 31 6.19 3.49 22.66
C MET B 31 6.33 2.01 22.30
N ASP B 32 5.37 1.21 22.78
CA ASP B 32 5.39 -0.23 22.58
C ASP B 32 4.56 -0.62 21.37
N GLN B 33 4.83 -1.81 20.86
CA GLN B 33 4.05 -2.36 19.75
C GLN B 33 2.57 -2.35 20.11
N GLY B 34 1.75 -1.89 19.17
CA GLY B 34 0.33 -1.81 19.38
C GLY B 34 -0.15 -0.54 20.06
N ASP B 35 0.76 0.31 20.53
CA ASP B 35 0.34 1.60 21.07
C ASP B 35 -0.17 2.48 19.95
N VAL B 36 -1.00 3.46 20.32
CA VAL B 36 -1.78 4.23 19.36
C VAL B 36 -1.66 5.72 19.68
N ILE B 37 -1.56 6.52 18.62
CA ILE B 37 -1.69 7.98 18.69
C ILE B 37 -2.83 8.39 17.77
N ILE B 38 -3.82 9.07 18.33
CA ILE B 38 -4.92 9.62 17.55
C ILE B 38 -4.67 11.10 17.38
N ARG B 39 -4.62 11.56 16.13
CA ARG B 39 -4.12 12.92 15.88
C ARG B 39 -4.87 13.55 14.72
N PRO B 40 -4.77 14.87 14.55
CA PRO B 40 -5.38 15.52 13.40
C PRO B 40 -4.80 15.02 12.08
N SER B 41 -5.64 15.00 11.07
CA SER B 41 -5.28 14.48 9.76
C SER B 41 -4.81 15.62 8.86
N SER B 42 -3.72 15.38 8.13
CA SER B 42 -3.30 16.33 7.11
C SER B 42 -4.35 16.48 6.01
N LYS B 43 -5.27 15.52 5.90
CA LYS B 43 -6.25 15.55 4.81
C LYS B 43 -7.35 16.57 5.07
N GLY B 44 -7.93 16.57 6.26
CA GLY B 44 -9.07 17.44 6.50
C GLY B 44 -9.50 17.40 7.95
N GLU B 45 -10.35 18.38 8.30
CA GLU B 45 -10.86 18.47 9.67
C GLU B 45 -11.80 17.31 9.99
N ASN B 46 -12.57 16.83 9.01
CA ASN B 46 -13.44 15.69 9.22
C ASN B 46 -12.71 14.35 9.13
N HIS B 47 -11.39 14.37 9.06
CA HIS B 47 -10.62 13.14 9.08
C HIS B 47 -9.85 13.07 10.39
N LEU B 48 -9.50 11.86 10.77
CA LEU B 48 -8.57 11.67 11.88
C LEU B 48 -7.49 10.75 11.35
N THR B 49 -6.34 10.75 12.02
CA THR B 49 -5.30 9.78 11.72
C THR B 49 -5.04 8.97 12.98
N VAL B 50 -5.06 7.65 12.85
CA VAL B 50 -4.76 6.76 13.95
C VAL B 50 -3.45 6.09 13.60
N THR B 51 -2.36 6.51 14.25
CA THR B 51 -1.05 5.94 14.01
C THR B 51 -0.80 4.85 15.05
N TRP B 52 -0.38 3.68 14.60
CA TRP B 52 -0.10 2.62 15.56
C TRP B 52 1.19 1.89 15.16
N LYS B 53 1.86 1.36 16.18
CA LYS B 53 3.19 0.78 16.02
C LYS B 53 3.04 -0.67 15.63
N VAL B 54 3.38 -0.99 14.37
CA VAL B 54 3.28 -2.36 13.89
C VAL B 54 4.47 -3.18 14.42
N SER B 55 5.65 -2.61 14.37
CA SER B 55 6.88 -3.26 14.80
C SER B 55 7.92 -2.15 14.94
N ASP B 56 9.13 -2.55 15.31
CA ASP B 56 10.21 -1.58 15.51
C ASP B 56 10.42 -0.73 14.26
N GLY B 57 10.19 0.56 14.39
CA GLY B 57 10.36 1.47 13.27
C GLY B 57 9.31 1.41 12.17
N ILE B 58 8.19 0.74 12.40
CA ILE B 58 7.15 0.60 11.38
C ILE B 58 5.83 1.05 11.99
N TYR B 59 5.25 2.11 11.43
CA TYR B 59 4.04 2.71 11.95
C TYR B 59 3.01 2.76 10.83
N GLN B 60 1.80 2.30 11.11
CA GLN B 60 0.70 2.39 10.16
C GLN B 60 -0.15 3.61 10.50
N HIS B 61 -0.39 4.46 9.51
CA HIS B 61 -1.16 5.69 9.67
C HIS B 61 -2.52 5.46 9.03
N VAL B 62 -3.53 5.20 9.86
CA VAL B 62 -4.87 4.86 9.40
C VAL B 62 -5.66 6.15 9.19
N ASP B 63 -6.12 6.36 7.97
CA ASP B 63 -7.01 7.47 7.66
C ASP B 63 -8.41 7.10 8.10
N VAL B 64 -8.93 7.78 9.12
CA VAL B 64 -10.26 7.54 9.63
C VAL B 64 -11.20 8.52 8.93
N ARG B 65 -12.12 7.96 8.12
CA ARG B 65 -13.07 8.66 7.31
C ARG B 65 -14.49 8.42 7.77
N GLU B 66 -15.35 9.41 7.55
CA GLU B 66 -16.76 9.34 7.90
C GLU B 66 -17.56 8.78 6.72
N GLU B 67 -18.35 7.75 6.99
CA GLU B 67 -19.14 7.10 5.96
C GLU B 67 -19.96 8.10 5.17
N GLY B 68 -19.88 7.99 3.84
CA GLY B 68 -20.72 8.76 2.94
C GLY B 68 -20.28 10.18 2.68
N LYS B 69 -19.24 10.67 3.35
CA LYS B 69 -18.83 12.07 3.22
C LYS B 69 -17.44 12.25 2.62
N GLU B 70 -16.75 11.16 2.29
CA GLU B 70 -15.46 11.23 1.61
C GLU B 70 -15.53 10.34 0.37
N ASN B 71 -14.54 10.50 -0.52
CA ASN B 71 -14.53 9.72 -1.74
C ASN B 71 -14.52 8.23 -1.41
N ALA B 72 -15.35 7.46 -2.11
CA ALA B 72 -15.48 6.03 -1.84
C ALA B 72 -14.19 5.28 -2.12
N PHE B 73 -13.23 5.90 -2.80
CA PHE B 73 -11.97 5.25 -3.13
C PHE B 73 -10.94 5.56 -2.06
N SER B 74 -10.18 4.55 -1.67
CA SER B 74 -9.05 4.77 -0.78
C SER B 74 -7.88 3.91 -1.23
N LEU B 75 -6.67 4.44 -1.04
CA LEU B 75 -5.42 3.72 -1.24
C LEU B 75 -4.59 3.96 0.04
N GLY B 76 -4.31 2.90 0.76
CA GLY B 76 -3.60 2.98 2.03
C GLY B 76 -4.54 2.69 3.19
N ALA B 77 -3.95 2.63 4.39
CA ALA B 77 -4.71 2.20 5.56
C ALA B 77 -5.86 3.16 5.82
N THR B 78 -7.06 2.62 5.89
CA THR B 78 -8.29 3.40 5.89
C THR B 78 -9.32 2.70 6.75
N LEU B 79 -10.06 3.49 7.52
CA LEU B 79 -11.11 2.98 8.38
C LEU B 79 -12.33 3.87 8.20
N TRP B 80 -13.44 3.28 7.78
CA TRP B 80 -14.70 4.01 7.62
C TRP B 80 -15.50 3.81 8.90
N ILE B 81 -15.99 4.92 9.48
CA ILE B 81 -16.85 4.87 10.65
C ILE B 81 -17.99 5.87 10.43
N ASN B 82 -19.04 5.72 11.25
CA ASN B 82 -20.16 6.66 11.17
C ASN B 82 -19.88 7.88 12.05
N SER B 83 -20.68 8.92 11.84
CA SER B 83 -20.46 10.18 12.57
C SER B 83 -20.50 9.94 14.07
N GLU B 84 -21.40 9.09 14.54
CA GLU B 84 -21.54 8.86 15.97
C GLU B 84 -20.27 8.22 16.54
N GLU B 85 -19.69 7.26 15.82
CA GLU B 85 -18.52 6.55 16.31
C GLU B 85 -17.32 7.46 16.52
N PHE B 86 -17.31 8.65 15.90
CA PHE B 86 -16.23 9.59 16.19
C PHE B 86 -16.21 10.00 17.65
N GLU B 87 -17.30 9.78 18.39
CA GLU B 87 -17.37 10.20 19.78
C GLU B 87 -16.70 9.21 20.73
N ASP B 88 -16.58 7.94 20.33
CA ASP B 88 -15.94 6.92 21.15
C ASP B 88 -14.78 6.35 20.34
N LEU B 89 -13.67 7.10 20.28
CA LEU B 89 -12.50 6.63 19.56
C LEU B 89 -11.84 5.45 20.26
N ASP B 90 -11.91 5.40 21.60
CA ASP B 90 -11.39 4.24 22.32
C ASP B 90 -12.03 2.97 21.80
N GLU B 91 -13.34 2.99 21.55
CA GLU B 91 -14.02 1.81 21.04
C GLU B 91 -13.50 1.45 19.66
N ILE B 92 -13.24 2.45 18.82
CA ILE B 92 -12.69 2.16 17.48
C ILE B 92 -11.33 1.51 17.58
N VAL B 93 -10.47 2.03 18.46
CA VAL B 93 -9.18 1.40 18.68
C VAL B 93 -9.37 -0.06 19.11
N ALA B 94 -10.20 -0.27 20.14
CA ALA B 94 -10.40 -1.62 20.63
C ALA B 94 -10.90 -2.55 19.54
N ARG B 95 -11.79 -2.05 18.67
CA ARG B 95 -12.47 -2.92 17.74
C ARG B 95 -11.58 -3.28 16.55
N TYR B 96 -10.79 -2.34 16.07
CA TYR B 96 -10.03 -2.55 14.84
C TYR B 96 -8.52 -2.68 15.04
N VAL B 97 -7.92 -1.80 15.85
CA VAL B 97 -6.46 -1.79 15.92
C VAL B 97 -5.94 -2.91 16.80
N GLN B 98 -6.54 -3.11 17.97
CA GLN B 98 -6.03 -4.13 18.90
C GLN B 98 -5.93 -5.51 18.25
N PRO B 99 -6.95 -6.01 17.55
CA PRO B 99 -6.78 -7.33 16.90
C PRO B 99 -5.68 -7.33 15.87
N MET B 100 -5.57 -6.24 15.12
CA MET B 100 -4.55 -6.15 14.07
C MET B 100 -3.15 -6.11 14.66
N ALA B 101 -2.97 -5.39 15.76
CA ALA B 101 -1.68 -5.37 16.44
C ALA B 101 -1.35 -6.74 17.01
N SER B 102 -2.36 -7.45 17.51
CA SER B 102 -2.11 -8.79 18.04
C SER B 102 -1.69 -9.77 16.95
N PHE B 103 -2.34 -9.71 15.80
CA PHE B 103 -1.93 -10.56 14.68
C PHE B 103 -0.52 -10.23 14.22
N ALA B 104 -0.20 -8.93 14.17
CA ALA B 104 1.17 -8.56 13.85
C ALA B 104 2.14 -9.20 14.85
N ARG B 105 1.80 -9.17 16.14
CA ARG B 105 2.65 -9.80 17.13
C ARG B 105 2.76 -11.31 16.90
N ASP B 106 1.69 -11.94 16.43
CA ASP B 106 1.75 -13.37 16.10
C ASP B 106 2.83 -13.61 15.05
N LEU B 107 2.98 -12.67 14.11
CA LEU B 107 4.04 -12.85 13.10
C LEU B 107 5.42 -12.49 13.66
N LEU B 108 5.52 -11.45 14.47
CA LEU B 108 6.83 -11.05 15.02
C LEU B 108 7.43 -12.13 15.90
N ASN B 109 6.60 -12.91 16.58
CA ASN B 109 7.07 -13.97 17.47
C ASN B 109 7.15 -15.32 16.78
N HIS B 110 6.85 -15.41 15.50
CA HIS B 110 6.97 -16.67 14.79
C HIS B 110 8.43 -17.09 14.76
N LYS B 111 8.67 -18.39 14.86
CA LYS B 111 10.04 -18.89 14.95
C LYS B 111 10.89 -18.49 13.75
N TYR B 112 10.27 -18.24 12.59
CA TYR B 112 11.01 -17.88 11.40
C TYR B 112 10.82 -16.42 11.03
N TYR B 113 10.47 -15.56 11.99
CA TYR B 113 10.48 -14.13 11.72
C TYR B 113 11.93 -13.63 11.58
N GLN B 114 12.17 -12.83 10.56
CA GLN B 114 13.46 -12.22 10.30
C GLN B 114 13.24 -10.79 9.83
N ASP B 115 14.08 -9.88 10.31
CA ASP B 115 13.92 -8.47 9.97
C ASP B 115 14.23 -8.24 8.49
N CYS B 116 15.30 -8.83 7.98
CA CYS B 116 15.75 -8.61 6.60
C CYS B 116 15.75 -7.12 6.25
N SER B 117 16.31 -6.32 7.15
CA SER B 117 16.51 -4.88 6.92
C SER B 117 15.21 -4.20 6.47
N GLY B 118 14.16 -4.39 7.27
CA GLY B 118 12.88 -3.76 6.98
C GLY B 118 12.13 -4.37 5.83
N GLY B 119 12.27 -5.67 5.61
CA GLY B 119 11.60 -6.31 4.50
C GLY B 119 12.23 -6.03 3.16
N ASP B 120 13.56 -5.99 3.09
CA ASP B 120 14.24 -5.86 1.81
C ASP B 120 14.16 -7.19 1.06
N ARG B 121 13.51 -7.19 -0.10
CA ARG B 121 13.27 -8.43 -0.82
C ARG B 121 14.58 -9.13 -1.18
N LYS B 122 15.61 -8.38 -1.54
CA LYS B 122 16.85 -9.03 -1.98
C LYS B 122 17.55 -9.71 -0.80
N LYS B 123 17.54 -9.07 0.37
CA LYS B 123 18.07 -9.71 1.58
C LYS B 123 17.34 -11.02 1.88
N LEU B 124 16.01 -11.00 1.73
CA LEU B 124 15.23 -12.20 2.01
C LEU B 124 15.55 -13.29 1.00
N GLU B 125 15.71 -12.93 -0.27
CA GLU B 125 16.11 -13.91 -1.27
C GLU B 125 17.48 -14.50 -0.98
N GLU B 126 18.43 -13.66 -0.58
CA GLU B 126 19.76 -14.15 -0.24
C GLU B 126 19.71 -15.11 0.95
N LEU B 127 18.93 -14.76 1.97
CA LEU B 127 18.76 -15.63 3.11
C LEU B 127 18.15 -16.96 2.70
N LEU B 128 17.12 -16.91 1.86
CA LEU B 128 16.50 -18.15 1.38
C LEU B 128 17.50 -19.02 0.64
N ILE B 129 18.26 -18.42 -0.27
CA ILE B 129 19.19 -19.21 -1.09
C ILE B 129 20.26 -19.83 -0.20
N LYS B 130 20.84 -19.04 0.71
CA LYS B 130 21.85 -19.58 1.61
C LYS B 130 21.29 -20.74 2.44
N THR B 131 20.09 -20.57 2.99
CA THR B 131 19.53 -21.61 3.84
C THR B 131 19.22 -22.87 3.03
N LYS B 132 18.74 -22.71 1.79
CA LYS B 132 18.49 -23.87 0.94
C LYS B 132 19.78 -24.59 0.59
N LYS B 133 20.86 -23.84 0.42
CA LYS B 133 22.14 -24.49 0.16
C LYS B 133 22.63 -25.25 1.40
N GLU B 134 22.34 -24.74 2.59
CA GLU B 134 22.77 -25.42 3.81
C GLU B 134 21.99 -26.71 4.04
N LYS B 135 20.68 -26.71 3.77
CA LYS B 135 19.82 -27.86 4.01
C LYS B 135 18.97 -28.13 2.79
N PRO B 136 19.50 -28.87 1.80
CA PRO B 136 18.77 -29.01 0.54
C PRO B 136 17.39 -29.64 0.67
N THR B 137 17.21 -30.61 1.57
CA THR B 137 15.94 -31.34 1.65
C THR B 137 14.87 -30.56 2.40
N PHE B 138 15.21 -29.42 2.99
CA PHE B 138 14.28 -28.63 3.77
C PHE B 138 13.77 -27.46 2.92
N ILE B 139 12.50 -27.12 3.12
CA ILE B 139 11.92 -25.95 2.46
C ILE B 139 11.99 -24.78 3.43
N PRO B 140 12.95 -23.87 3.28
CA PRO B 140 13.01 -22.72 4.19
C PRO B 140 11.96 -21.68 3.86
N TYR B 141 11.51 -21.01 4.92
CA TYR B 141 10.64 -19.85 4.77
C TYR B 141 10.90 -18.92 5.94
N PHE B 142 10.69 -17.63 5.67
CA PHE B 142 10.89 -16.57 6.65
C PHE B 142 9.81 -15.53 6.45
N ILE B 143 9.53 -14.79 7.53
CA ILE B 143 8.52 -13.72 7.52
C ILE B 143 9.22 -12.44 7.96
N CYS B 144 8.90 -11.34 7.28
CA CYS B 144 9.57 -10.06 7.54
C CYS B 144 8.56 -8.93 7.43
N ALA B 145 8.62 -7.98 8.37
CA ALA B 145 7.73 -6.82 8.28
C ALA B 145 8.20 -5.87 7.17
N CYS B 146 7.26 -5.40 6.36
CA CYS B 146 7.58 -4.44 5.30
C CYS B 146 7.61 -3.04 5.89
N LYS B 147 8.79 -2.39 5.87
CA LYS B 147 8.89 -1.06 6.44
C LYS B 147 8.17 -0.03 5.58
N GLU B 148 8.18 -0.20 4.25
CA GLU B 148 7.53 0.77 3.37
C GLU B 148 6.07 0.42 3.12
N LEU B 149 5.60 -0.71 3.63
CA LEU B 149 4.22 -1.15 3.46
C LEU B 149 3.68 -1.52 4.84
N PRO B 150 3.47 -0.55 5.71
CA PRO B 150 3.10 -0.86 7.09
C PRO B 150 1.84 -1.71 7.14
N GLY B 151 1.92 -2.81 7.86
CA GLY B 151 0.84 -3.76 7.95
C GLY B 151 0.99 -4.97 7.06
N LYS B 152 1.87 -4.90 6.07
CA LYS B 152 2.16 -6.03 5.21
C LYS B 152 3.49 -6.65 5.59
N PHE B 153 3.58 -7.97 5.35
CA PHE B 153 4.74 -8.78 5.67
C PHE B 153 5.12 -9.57 4.43
N LEU B 154 6.41 -9.75 4.22
CA LEU B 154 6.91 -10.65 3.20
C LEU B 154 6.96 -12.05 3.78
N LEU B 155 6.42 -13.01 3.03
CA LEU B 155 6.55 -14.43 3.29
C LEU B 155 7.43 -14.97 2.16
N GLY B 156 8.68 -15.24 2.48
CA GLY B 156 9.60 -15.81 1.53
C GLY B 156 9.79 -17.28 1.79
N TYR B 157 9.97 -18.04 0.71
CA TYR B 157 10.13 -19.48 0.82
C TYR B 157 10.80 -20.01 -0.43
N GLN B 158 11.48 -21.13 -0.29
CA GLN B 158 12.19 -21.72 -1.43
C GLN B 158 11.93 -23.21 -1.50
N PRO B 159 10.88 -23.63 -2.20
CA PRO B 159 10.64 -25.08 -2.35
C PRO B 159 11.68 -25.78 -3.20
N ARG B 160 12.21 -25.11 -4.22
CA ARG B 160 13.13 -25.76 -5.15
C ARG B 160 14.37 -24.87 -5.30
N GLY B 161 14.69 -24.46 -6.53
CA GLY B 161 15.90 -23.74 -6.79
C GLY B 161 15.81 -22.23 -6.79
N LYS B 162 14.62 -21.66 -6.60
CA LYS B 162 14.45 -20.23 -6.74
C LYS B 162 13.62 -19.68 -5.57
N PRO B 163 14.05 -18.58 -4.95
CA PRO B 163 13.24 -18.00 -3.88
C PRO B 163 11.97 -17.38 -4.42
N ARG B 164 10.89 -17.57 -3.66
CA ARG B 164 9.60 -16.98 -3.98
C ARG B 164 9.18 -16.08 -2.81
N ILE B 165 8.52 -14.98 -3.13
CA ILE B 165 8.08 -14.03 -2.11
C ILE B 165 6.64 -13.66 -2.38
N GLU B 166 5.80 -13.75 -1.35
CA GLU B 166 4.41 -13.30 -1.42
C GLU B 166 4.15 -12.35 -0.25
N TYR B 167 3.00 -11.68 -0.30
CA TYR B 167 2.62 -10.75 0.75
C TYR B 167 1.57 -11.37 1.65
N VAL B 168 1.69 -11.11 2.96
CA VAL B 168 0.65 -11.40 3.95
C VAL B 168 0.26 -10.06 4.56
N THR B 169 -1.03 -9.79 4.64
CA THR B 169 -1.52 -8.54 5.17
C THR B 169 -2.23 -8.79 6.48
N VAL B 170 -1.88 -8.03 7.52
CA VAL B 170 -2.60 -8.11 8.78
C VAL B 170 -3.85 -7.26 8.69
N THR B 171 -4.99 -7.80 9.13
CA THR B 171 -6.25 -7.09 9.16
C THR B 171 -6.95 -7.39 10.49
N PRO B 172 -7.96 -6.59 10.83
CA PRO B 172 -8.65 -6.82 12.11
C PRO B 172 -9.25 -8.21 12.23
N GLU B 173 -9.43 -8.92 11.12
CA GLU B 173 -10.07 -10.23 11.12
C GLU B 173 -9.10 -11.34 10.75
N GLY B 174 -7.82 -11.04 10.60
CA GLY B 174 -6.83 -12.08 10.46
C GLY B 174 -5.86 -11.76 9.35
N PHE B 175 -5.19 -12.81 8.89
CA PHE B 175 -4.14 -12.65 7.88
C PHE B 175 -4.72 -12.86 6.49
N ARG B 176 -4.47 -11.90 5.59
CA ARG B 176 -4.85 -12.01 4.20
C ARG B 176 -3.67 -12.60 3.44
N TYR B 177 -3.89 -13.74 2.79
CA TYR B 177 -2.85 -14.42 2.03
C TYR B 177 -3.52 -15.05 0.83
N ARG B 178 -3.05 -14.69 -0.37
CA ARG B 178 -3.70 -15.12 -1.61
C ARG B 178 -5.18 -14.78 -1.60
N GLY B 179 -5.51 -13.63 -1.04
CA GLY B 179 -6.89 -13.18 -0.98
C GLY B 179 -7.74 -13.85 0.07
N GLN B 180 -7.24 -14.91 0.71
CA GLN B 180 -8.03 -15.62 1.70
C GLN B 180 -7.71 -15.10 3.10
N ILE B 181 -8.72 -15.11 3.96
CA ILE B 181 -8.56 -14.64 5.34
C ILE B 181 -8.31 -15.86 6.22
N PHE B 182 -7.28 -15.78 7.05
CA PHE B 182 -6.93 -16.82 8.01
C PHE B 182 -7.04 -16.24 9.41
N PRO B 183 -7.94 -16.74 10.24
CA PRO B 183 -8.16 -16.09 11.56
C PRO B 183 -7.15 -16.48 12.63
N THR B 184 -6.24 -17.41 12.35
CA THR B 184 -5.19 -17.79 13.28
C THR B 184 -3.88 -17.92 12.51
N VAL B 185 -2.77 -17.60 13.21
CA VAL B 185 -1.46 -17.69 12.57
C VAL B 185 -1.11 -19.15 12.25
N ASN B 186 -1.51 -20.08 13.12
CA ASN B 186 -1.21 -21.48 12.86
C ASN B 186 -2.00 -21.99 11.65
N GLY B 187 -3.24 -21.53 11.49
CA GLY B 187 -3.98 -21.88 10.29
C GLY B 187 -3.33 -21.34 9.04
N LEU B 188 -2.88 -20.09 9.09
CA LEU B 188 -2.15 -19.51 7.98
C LEU B 188 -1.00 -20.41 7.56
N PHE B 189 -0.13 -20.74 8.50
CA PHE B 189 1.08 -21.46 8.11
C PHE B 189 0.82 -22.92 7.79
N ARG B 190 -0.22 -23.52 8.38
CA ARG B 190 -0.58 -24.89 8.00
C ARG B 190 -1.10 -24.93 6.56
N TRP B 191 -1.94 -23.97 6.17
CA TRP B 191 -2.39 -23.91 4.79
C TRP B 191 -1.23 -23.66 3.84
N PHE B 192 -0.39 -22.67 4.19
CA PHE B 192 0.80 -22.36 3.40
C PHE B 192 1.66 -23.61 3.19
N LYS B 193 1.97 -24.33 4.27
CA LYS B 193 2.81 -25.51 4.17
C LYS B 193 2.12 -26.65 3.44
N ASP B 194 0.79 -26.68 3.45
CA ASP B 194 0.08 -27.67 2.65
C ASP B 194 0.11 -27.33 1.17
N HIS B 195 0.41 -26.08 0.82
CA HIS B 195 0.43 -25.71 -0.59
C HIS B 195 1.75 -25.15 -1.11
N TYR B 196 2.80 -25.05 -0.30
CA TYR B 196 4.03 -24.41 -0.78
C TYR B 196 4.86 -25.29 -1.71
N GLN B 197 4.52 -26.57 -1.85
CA GLN B 197 5.17 -27.43 -2.83
C GLN B 197 4.31 -27.69 -4.08
N ASP B 198 3.13 -27.09 -4.16
CA ASP B 198 2.24 -27.34 -5.29
C ASP B 198 2.95 -26.99 -6.59
N PRO B 199 2.66 -27.73 -7.67
CA PRO B 199 3.38 -27.50 -8.94
C PRO B 199 3.30 -26.08 -9.50
N VAL B 200 2.35 -25.26 -9.06
CA VAL B 200 2.16 -23.92 -9.61
C VAL B 200 2.17 -23.99 -11.14
#